data_6M8D
#
_entry.id   6M8D
#
_cell.length_a   77.971
_cell.length_b   77.971
_cell.length_c   85.362
_cell.angle_alpha   90.00
_cell.angle_beta   90.00
_cell.angle_gamma   90.00
#
_symmetry.space_group_name_H-M   'P 42 21 2'
#
loop_
_entity.id
_entity.type
_entity.pdbx_description
1 polymer 'Inositol polyphosphate multikinase,Inositol polyphosphate multikinase'
2 non-polymer 5,7-dihydroxy-2-(3-hydroxy-4-methoxyphenyl)-4H-1-benzopyran-4-one
3 water water
#
_entity_poly.entity_id   1
_entity_poly.type   'polypeptide(L)'
_entity_poly.pdbx_seq_one_letter_code
;GSFTSHQVAGHMYGKDKVGILQHPDGTVLKQLQPPPRGPRELEFYNMVYAADCFDGVLLELRKYLPKYYGIWSPPTAPND
LYLKLEDVTHKFNKPCIMDVKIGQKSYDPFASSEKIQQQVSKYPLMEEIGFLVLGMRVYHVHSDSYETENQHYGRSLTKE
TIKDGVSRFFHNGYCLRKDAVAASIQKIEKILQWFENQKQLNFYASSLLFVYEGSSQGGSGGEVEVRMIDFAHVFPSNTI
DEGYVYGLKHLISVLRSILDN
;
_entity_poly.pdbx_strand_id   A
#
loop_
_chem_comp.id
_chem_comp.type
_chem_comp.name
_chem_comp.formula
J8D non-polymer 5,7-dihydroxy-2-(3-hydroxy-4-methoxyphenyl)-4H-1-benzopyran-4-one 'C16 H12 O6'
#
# COMPACT_ATOMS: atom_id res chain seq x y z
N ILE A 20 6.14 -10.31 -7.54
CA ILE A 20 5.03 -9.78 -8.38
C ILE A 20 5.35 -9.98 -9.86
N LEU A 21 4.60 -10.88 -10.52
CA LEU A 21 4.73 -11.15 -11.94
C LEU A 21 3.55 -10.51 -12.66
N GLN A 22 3.82 -9.56 -13.56
CA GLN A 22 2.77 -8.94 -14.37
C GLN A 22 2.39 -9.83 -15.54
N HIS A 23 1.09 -10.08 -15.69
CA HIS A 23 0.55 -10.88 -16.77
C HIS A 23 -0.17 -9.94 -17.75
N PRO A 24 0.05 -10.12 -19.08
CA PRO A 24 -0.64 -9.33 -20.13
C PRO A 24 -2.18 -9.22 -20.00
N ASP A 25 -2.82 -10.26 -19.49
CA ASP A 25 -4.28 -10.27 -19.27
C ASP A 25 -4.84 -9.26 -18.24
N GLY A 26 -3.99 -8.44 -17.63
CA GLY A 26 -4.41 -7.41 -16.67
C GLY A 26 -4.37 -7.86 -15.22
N THR A 27 -3.62 -8.93 -14.95
CA THR A 27 -3.49 -9.46 -13.59
C THR A 27 -2.03 -9.56 -13.21
N VAL A 28 -1.81 -9.76 -11.91
CA VAL A 28 -0.49 -10.08 -11.38
C VAL A 28 -0.59 -11.41 -10.64
N LEU A 29 0.55 -12.11 -10.59
CA LEU A 29 0.68 -13.31 -9.78
C LEU A 29 1.65 -12.99 -8.66
N LYS A 30 1.13 -12.94 -7.43
CA LYS A 30 1.95 -12.72 -6.24
C LYS A 30 2.27 -14.07 -5.60
N GLN A 31 3.55 -14.42 -5.56
CA GLN A 31 3.98 -15.68 -4.97
C GLN A 31 3.74 -15.62 -3.47
N LEU A 32 3.12 -16.67 -2.92
CA LEU A 32 2.96 -16.75 -1.47
C LEU A 32 4.32 -16.63 -0.80
N GLN A 33 4.40 -15.77 0.23
CA GLN A 33 5.60 -15.68 1.05
C GLN A 33 5.76 -16.98 1.84
N PRO A 34 6.98 -17.27 2.34
CA PRO A 34 7.15 -18.46 3.16
C PRO A 34 6.20 -18.48 4.37
N PRO A 35 5.91 -19.68 4.90
CA PRO A 35 4.99 -19.77 6.03
C PRO A 35 5.61 -19.15 7.29
N PRO A 36 4.81 -18.59 8.20
CA PRO A 36 3.34 -18.52 8.12
C PRO A 36 2.76 -17.37 7.26
N ARG A 37 3.60 -16.51 6.69
CA ARG A 37 3.13 -15.27 6.03
C ARG A 37 2.25 -15.50 4.79
N GLY A 38 2.75 -16.27 3.82
CA GLY A 38 1.97 -16.61 2.62
C GLY A 38 0.60 -17.20 2.91
N PRO A 39 0.55 -18.30 3.69
CA PRO A 39 -0.70 -18.92 4.12
C PRO A 39 -1.69 -17.94 4.74
N ARG A 40 -1.20 -17.04 5.60
CA ARG A 40 -2.06 -16.01 6.20
C ARG A 40 -2.62 -15.02 5.17
N GLU A 41 -1.81 -14.61 4.20
CA GLU A 41 -2.30 -13.69 3.15
C GLU A 41 -3.36 -14.36 2.24
N LEU A 42 -3.13 -15.63 1.91
CA LEU A 42 -4.13 -16.44 1.22
C LEU A 42 -5.45 -16.48 1.98
N GLU A 43 -5.40 -16.77 3.28
CA GLU A 43 -6.65 -16.82 4.08
C GLU A 43 -7.31 -15.46 4.22
N PHE A 44 -6.52 -14.39 4.23
CA PHE A 44 -7.10 -13.05 4.23
C PHE A 44 -7.94 -12.79 2.97
N TYR A 45 -7.34 -12.97 1.80
CA TYR A 45 -8.06 -12.81 0.53
C TYR A 45 -9.29 -13.73 0.43
N ASN A 46 -9.12 -15.00 0.79
CA ASN A 46 -10.23 -15.96 0.82
C ASN A 46 -11.38 -15.53 1.74
N MET A 47 -11.05 -14.97 2.91
CA MET A 47 -12.06 -14.48 3.85
C MET A 47 -12.84 -13.30 3.27
N VAL A 48 -12.11 -12.31 2.75
CA VAL A 48 -12.73 -11.08 2.25
C VAL A 48 -13.57 -11.34 0.99
N TYR A 49 -13.06 -12.18 0.10
CA TYR A 49 -13.72 -12.49 -1.18
C TYR A 49 -14.51 -13.79 -1.16
N ALA A 50 -14.87 -14.28 0.04
CA ALA A 50 -15.73 -15.46 0.16
C ALA A 50 -17.05 -15.18 -0.55
N ALA A 51 -17.42 -16.08 -1.46
CA ALA A 51 -18.60 -15.86 -2.30
C ALA A 51 -19.90 -15.75 -1.50
N ASP A 52 -19.96 -16.41 -0.34
CA ASP A 52 -21.12 -16.33 0.58
C ASP A 52 -21.01 -15.27 1.69
N CYS A 53 -20.06 -14.33 1.58
CA CYS A 53 -19.88 -13.27 2.57
C CYS A 53 -20.98 -12.22 2.49
N PHE A 54 -21.71 -12.01 3.59
CA PHE A 54 -22.68 -10.91 3.72
C PHE A 54 -22.27 -9.89 4.80
N ASP A 55 -21.02 -9.93 5.23
CA ASP A 55 -20.48 -8.96 6.18
C ASP A 55 -20.26 -7.63 5.45
N GLY A 56 -21.05 -6.63 5.79
CA GLY A 56 -20.97 -5.29 5.19
C GLY A 56 -19.62 -4.61 5.31
N VAL A 57 -18.90 -4.88 6.40
CA VAL A 57 -17.54 -4.38 6.59
C VAL A 57 -16.62 -4.97 5.51
N LEU A 58 -16.68 -6.28 5.31
CA LEU A 58 -15.82 -6.97 4.34
C LEU A 58 -16.22 -6.70 2.89
N LEU A 59 -17.52 -6.61 2.61
CA LEU A 59 -18.00 -6.23 1.27
C LEU A 59 -17.51 -4.84 0.89
N GLU A 60 -17.57 -3.90 1.82
CA GLU A 60 -17.05 -2.54 1.62
C GLU A 60 -15.52 -2.53 1.38
N LEU A 61 -14.80 -3.36 2.14
CA LEU A 61 -13.33 -3.48 2.01
C LEU A 61 -12.89 -3.87 0.61
N ARG A 62 -13.65 -4.75 -0.05
CA ARG A 62 -13.36 -5.17 -1.44
C ARG A 62 -13.13 -4.01 -2.43
N LYS A 63 -13.78 -2.88 -2.19
CA LYS A 63 -13.61 -1.68 -3.01
C LYS A 63 -12.18 -1.15 -3.03
N TYR A 64 -11.43 -1.39 -1.95
CA TYR A 64 -10.09 -0.82 -1.74
C TYR A 64 -8.94 -1.80 -1.96
N LEU A 65 -9.26 -3.06 -2.24
CA LEU A 65 -8.26 -4.09 -2.51
C LEU A 65 -8.16 -4.34 -4.00
N PRO A 66 -7.07 -4.98 -4.48
CA PRO A 66 -7.10 -5.52 -5.84
C PRO A 66 -8.18 -6.59 -5.93
N LYS A 67 -8.87 -6.70 -7.07
CA LYS A 67 -9.79 -7.81 -7.27
C LYS A 67 -8.99 -9.11 -7.17
N TYR A 68 -9.58 -10.12 -6.54
CA TYR A 68 -8.93 -11.39 -6.25
C TYR A 68 -9.58 -12.48 -7.09
N TYR A 69 -8.76 -13.23 -7.83
CA TYR A 69 -9.23 -14.26 -8.74
C TYR A 69 -8.94 -15.67 -8.23
N GLY A 70 -8.67 -15.79 -6.92
CA GLY A 70 -8.41 -17.08 -6.31
C GLY A 70 -6.96 -17.47 -6.31
N ILE A 71 -6.67 -18.58 -5.63
CA ILE A 71 -5.35 -19.18 -5.63
C ILE A 71 -5.03 -19.70 -7.03
N TRP A 72 -3.76 -19.57 -7.42
CA TRP A 72 -3.28 -20.11 -8.69
C TRP A 72 -1.94 -20.79 -8.49
N SER A 73 -1.72 -21.88 -9.22
CA SER A 73 -0.40 -22.52 -9.31
C SER A 73 -0.20 -23.02 -10.73
N PRO A 74 1.05 -23.14 -11.20
CA PRO A 74 1.24 -23.66 -12.56
C PRO A 74 0.68 -25.07 -12.73
N PRO A 75 0.14 -25.40 -13.93
CA PRO A 75 -0.39 -26.73 -14.23
C PRO A 75 0.51 -27.89 -13.80
N THR A 76 1.82 -27.73 -14.01
CA THR A 76 2.82 -28.77 -13.71
C THR A 76 3.47 -28.65 -12.32
N ALA A 77 2.99 -27.73 -11.48
CA ALA A 77 3.63 -27.46 -10.17
C ALA A 77 2.61 -27.05 -9.10
N PRO A 78 1.80 -28.00 -8.61
CA PRO A 78 0.85 -27.75 -7.50
C PRO A 78 1.46 -27.15 -6.24
N ASN A 79 2.73 -27.48 -5.98
CA ASN A 79 3.52 -26.88 -4.88
C ASN A 79 3.70 -25.36 -4.94
N ASP A 80 3.77 -24.78 -6.14
CA ASP A 80 4.16 -23.38 -6.32
C ASP A 80 2.94 -22.45 -6.27
N LEU A 81 2.69 -21.86 -5.10
CA LEU A 81 1.43 -21.15 -4.81
C LEU A 81 1.50 -19.65 -5.10
N TYR A 82 0.44 -19.14 -5.75
CA TYR A 82 0.31 -17.71 -6.06
C TYR A 82 -1.09 -17.21 -5.77
N LEU A 83 -1.18 -15.89 -5.58
CA LEU A 83 -2.44 -15.18 -5.55
C LEU A 83 -2.58 -14.52 -6.91
N LYS A 84 -3.71 -14.77 -7.59
CA LYS A 84 -4.02 -14.12 -8.87
C LYS A 84 -4.83 -12.89 -8.51
N LEU A 85 -4.27 -11.71 -8.81
CA LEU A 85 -4.84 -10.43 -8.42
C LEU A 85 -4.92 -9.48 -9.61
N GLU A 86 -5.89 -8.58 -9.57
CA GLU A 86 -5.97 -7.46 -10.50
C GLU A 86 -4.66 -6.66 -10.51
N ASP A 87 -4.16 -6.35 -11.70
CA ASP A 87 -3.04 -5.44 -11.85
C ASP A 87 -3.61 -4.03 -11.88
N VAL A 88 -3.48 -3.33 -10.76
CA VAL A 88 -4.05 -1.98 -10.61
C VAL A 88 -3.36 -0.91 -11.46
N THR A 89 -2.19 -1.24 -12.04
CA THR A 89 -1.48 -0.35 -12.97
C THR A 89 -1.85 -0.55 -14.44
N HIS A 90 -2.64 -1.59 -14.74
CA HIS A 90 -2.89 -2.02 -16.13
C HIS A 90 -3.57 -0.99 -17.02
N LYS A 91 -4.50 -0.20 -16.46
CA LYS A 91 -5.22 0.83 -17.22
C LYS A 91 -4.41 2.12 -17.49
N PHE A 92 -3.18 2.20 -16.98
CA PHE A 92 -2.33 3.38 -17.18
C PHE A 92 -1.37 3.21 -18.36
N ASN A 93 -1.02 4.32 -19.01
CA ASN A 93 -0.04 4.32 -20.10
C ASN A 93 1.38 4.37 -19.57
N LYS A 94 1.67 5.38 -18.74
CA LYS A 94 2.96 5.53 -18.06
C LYS A 94 2.71 5.56 -16.55
N PRO A 95 2.40 4.40 -15.94
CA PRO A 95 2.05 4.41 -14.52
C PRO A 95 3.20 4.85 -13.61
N CYS A 96 2.91 5.81 -12.74
CA CYS A 96 3.80 6.19 -11.66
C CYS A 96 3.30 5.47 -10.43
N ILE A 97 4.19 4.73 -9.77
CA ILE A 97 3.80 3.76 -8.75
C ILE A 97 4.57 4.01 -7.46
N MET A 98 3.85 4.13 -6.34
CA MET A 98 4.47 4.25 -5.03
C MET A 98 3.81 3.29 -4.05
N ASP A 99 4.65 2.57 -3.32
CA ASP A 99 4.26 1.61 -2.31
C ASP A 99 4.56 2.25 -0.94
N VAL A 100 3.55 2.41 -0.09
CA VAL A 100 3.72 3.02 1.24
C VAL A 100 3.20 2.11 2.34
N LYS A 101 4.10 1.66 3.21
CA LYS A 101 3.70 0.86 4.38
C LYS A 101 3.02 1.76 5.41
N ILE A 102 1.90 1.30 5.97
CA ILE A 102 1.07 2.09 6.89
C ILE A 102 1.06 1.47 8.29
N GLY A 103 1.10 2.32 9.30
CA GLY A 103 0.97 1.90 10.69
C GLY A 103 2.11 2.37 11.55
N GLN A 104 1.93 2.24 12.86
CA GLN A 104 2.95 2.59 13.85
C GLN A 104 3.87 1.42 14.22
N LYS A 105 3.38 0.20 14.03
CA LYS A 105 4.15 -1.03 14.24
C LYS A 105 4.10 -1.86 12.96
N SER A 106 5.27 -2.28 12.46
CA SER A 106 5.34 -3.19 11.31
C SER A 106 5.69 -4.63 11.72
N TYR A 107 5.55 -4.92 13.02
CA TYR A 107 5.61 -6.28 13.57
C TYR A 107 4.20 -6.62 14.05
N ASP A 108 3.87 -7.91 14.13
CA ASP A 108 2.51 -8.31 14.53
C ASP A 108 2.41 -8.63 16.03
N PRO A 109 1.18 -8.84 16.56
CA PRO A 109 1.03 -9.09 18.00
C PRO A 109 1.75 -10.33 18.56
N PHE A 110 2.23 -11.23 17.70
CA PHE A 110 2.83 -12.50 18.13
C PHE A 110 4.30 -12.66 17.75
N ALA A 111 4.96 -11.57 17.39
CA ALA A 111 6.38 -11.57 17.10
C ALA A 111 7.20 -11.79 18.40
N SER A 112 8.31 -12.52 18.27
CA SER A 112 9.27 -12.64 19.37
C SER A 112 9.98 -11.31 19.59
N SER A 113 10.58 -11.15 20.77
CA SER A 113 11.36 -9.95 21.10
C SER A 113 12.42 -9.63 20.04
N GLU A 114 13.08 -10.67 19.52
CA GLU A 114 14.11 -10.53 18.50
C GLU A 114 13.55 -9.99 17.19
N LYS A 115 12.43 -10.59 16.75
CA LYS A 115 11.71 -10.15 15.55
C LYS A 115 11.17 -8.72 15.69
N ILE A 116 10.63 -8.37 16.86
CA ILE A 116 10.16 -7.00 17.13
C ILE A 116 11.32 -6.02 16.98
N GLN A 117 12.44 -6.37 17.58
CA GLN A 117 13.66 -5.55 17.54
C GLN A 117 14.16 -5.38 16.10
N GLN A 118 14.25 -6.49 15.35
CA GLN A 118 14.62 -6.46 13.93
C GLN A 118 13.70 -5.54 13.11
N GLN A 119 12.40 -5.63 13.34
CA GLN A 119 11.42 -4.83 12.60
C GLN A 119 11.45 -3.35 12.95
N VAL A 120 11.64 -3.03 14.23
CA VAL A 120 11.74 -1.63 14.64
C VAL A 120 13.06 -1.03 14.13
N SER A 121 14.15 -1.80 14.15
CA SER A 121 15.44 -1.32 13.64
C SER A 121 15.44 -1.08 12.13
N LYS A 122 14.60 -1.81 11.38
CA LYS A 122 14.46 -1.58 9.93
C LYS A 122 14.03 -0.14 9.63
N TYR A 123 13.19 0.42 10.49
CA TYR A 123 12.83 1.84 10.44
C TYR A 123 12.31 2.31 11.81
N PRO A 124 13.20 2.89 12.64
CA PRO A 124 12.79 3.24 14.02
C PRO A 124 11.84 4.44 14.18
N LEU A 125 11.56 5.15 13.08
CA LEU A 125 10.59 6.27 13.10
C LEU A 125 9.15 5.87 12.77
N MET A 126 8.87 4.56 12.66
CA MET A 126 7.54 4.08 12.27
C MET A 126 6.45 4.54 13.26
N GLU A 127 6.74 4.42 14.55
CA GLU A 127 5.83 4.87 15.60
C GLU A 127 5.55 6.38 15.47
N GLU A 128 6.64 7.13 15.27
CA GLU A 128 6.62 8.58 15.13
C GLU A 128 5.88 9.07 13.88
N ILE A 129 6.17 8.49 12.72
CA ILE A 129 5.61 8.96 11.44
C ILE A 129 4.32 8.20 11.06
N GLY A 130 4.28 6.90 11.29
CA GLY A 130 3.08 6.11 11.02
C GLY A 130 3.00 5.58 9.61
N PHE A 131 4.04 5.82 8.80
CA PHE A 131 4.13 5.27 7.46
C PHE A 131 5.56 5.27 6.96
N LEU A 132 5.80 4.48 5.93
CA LEU A 132 7.13 4.30 5.35
C LEU A 132 7.04 4.05 3.84
N VAL A 133 7.74 4.88 3.06
CA VAL A 133 7.78 4.70 1.61
C VAL A 133 8.70 3.52 1.33
N LEU A 134 8.15 2.48 0.72
CA LEU A 134 8.89 1.26 0.40
C LEU A 134 9.63 1.40 -0.92
N GLY A 135 9.06 2.14 -1.86
CA GLY A 135 9.69 2.44 -3.13
C GLY A 135 8.82 3.31 -4.00
N MET A 136 9.39 3.82 -5.08
CA MET A 136 8.62 4.55 -6.06
C MET A 136 9.24 4.48 -7.44
N ARG A 137 8.40 4.61 -8.45
CA ARG A 137 8.80 4.64 -9.86
C ARG A 137 8.05 5.82 -10.45
N VAL A 138 8.78 6.84 -10.87
CA VAL A 138 8.19 8.11 -11.30
C VAL A 138 8.58 8.40 -12.74
N TYR A 139 7.58 8.63 -13.60
CA TYR A 139 7.82 8.97 -15.00
C TYR A 139 8.24 10.43 -15.12
N HIS A 140 9.36 10.66 -15.80
CA HIS A 140 9.84 12.00 -16.09
C HIS A 140 9.54 12.32 -17.55
N VAL A 141 8.73 13.36 -17.75
CA VAL A 141 8.14 13.69 -19.06
C VAL A 141 9.19 14.11 -20.08
N HIS A 142 10.15 14.92 -19.64
CA HIS A 142 11.20 15.46 -20.52
C HIS A 142 12.15 14.42 -21.12
N SER A 143 12.42 13.34 -20.38
CA SER A 143 13.35 12.30 -20.83
C SER A 143 12.66 11.01 -21.30
N ASP A 144 11.33 10.95 -21.21
CA ASP A 144 10.55 9.74 -21.51
C ASP A 144 11.12 8.52 -20.76
N SER A 145 11.38 8.71 -19.47
CA SER A 145 12.08 7.72 -18.67
C SER A 145 11.61 7.73 -17.23
N TYR A 146 11.90 6.64 -16.52
CA TYR A 146 11.52 6.47 -15.14
C TYR A 146 12.72 6.68 -14.21
N GLU A 147 12.47 7.28 -13.06
CA GLU A 147 13.43 7.28 -11.94
C GLU A 147 12.82 6.45 -10.83
N THR A 148 13.62 5.53 -10.28
CA THR A 148 13.15 4.61 -9.24
C THR A 148 13.91 4.82 -7.94
N GLU A 149 13.19 4.67 -6.83
CA GLU A 149 13.79 4.71 -5.50
C GLU A 149 13.49 3.38 -4.81
N ASN A 150 14.50 2.82 -4.15
CA ASN A 150 14.36 1.53 -3.44
C ASN A 150 13.98 1.75 -1.96
N GLN A 151 13.98 0.69 -1.15
CA GLN A 151 13.62 0.77 0.28
C GLN A 151 14.48 1.72 1.13
N HIS A 152 15.73 1.94 0.73
CA HIS A 152 16.63 2.84 1.49
C HIS A 152 16.26 4.31 1.37
N TYR A 153 15.52 4.68 0.33
CA TYR A 153 15.03 6.05 0.18
C TYR A 153 14.08 6.41 1.32
N GLY A 154 12.98 5.66 1.43
CA GLY A 154 11.98 5.92 2.46
C GLY A 154 12.50 5.72 3.87
N ARG A 155 13.34 4.70 4.06
CA ARG A 155 14.00 4.46 5.35
C ARG A 155 14.97 5.57 5.80
N SER A 156 15.48 6.36 4.85
N SER A 156 15.48 6.36 4.85
CA SER A 156 16.33 7.52 5.17
CA SER A 156 16.32 7.52 5.14
C SER A 156 15.54 8.79 5.53
C SER A 156 15.54 8.79 5.53
N LEU A 157 14.22 8.78 5.34
CA LEU A 157 13.39 9.96 5.60
C LEU A 157 13.10 10.13 7.09
N THR A 158 13.17 11.39 7.54
CA THR A 158 12.86 11.79 8.91
C THR A 158 11.68 12.76 8.87
N LYS A 159 11.22 13.18 10.04
CA LYS A 159 10.19 14.22 10.14
C LYS A 159 10.55 15.49 9.37
N GLU A 160 11.83 15.84 9.37
CA GLU A 160 12.35 17.01 8.67
C GLU A 160 12.22 16.91 7.15
N THR A 161 12.31 15.68 6.62
CA THR A 161 12.36 15.43 5.18
C THR A 161 11.22 14.60 4.57
N ILE A 162 10.24 14.16 5.37
CA ILE A 162 9.12 13.33 4.83
C ILE A 162 8.23 14.04 3.80
N LYS A 163 7.96 15.32 3.99
CA LYS A 163 7.11 16.07 3.05
C LYS A 163 7.74 16.11 1.66
N ASP A 164 9.01 16.55 1.60
CA ASP A 164 9.78 16.56 0.35
C ASP A 164 10.02 15.15 -0.18
N GLY A 165 10.19 14.19 0.74
CA GLY A 165 10.32 12.78 0.38
C GLY A 165 9.12 12.23 -0.35
N VAL A 166 7.93 12.54 0.17
CA VAL A 166 6.67 12.12 -0.45
C VAL A 166 6.39 12.91 -1.75
N SER A 167 6.68 14.21 -1.77
N SER A 167 6.67 14.22 -1.75
CA SER A 167 6.40 15.05 -2.94
CA SER A 167 6.48 15.09 -2.92
C SER A 167 7.18 14.67 -4.20
C SER A 167 7.14 14.58 -4.19
N ARG A 168 8.35 14.04 -4.04
CA ARG A 168 9.14 13.53 -5.19
C ARG A 168 8.33 12.58 -6.09
N PHE A 169 7.49 11.75 -5.49
CA PHE A 169 6.60 10.86 -6.25
C PHE A 169 5.74 11.60 -7.27
N PHE A 170 5.28 12.79 -6.89
CA PHE A 170 4.35 13.59 -7.70
C PHE A 170 5.03 14.66 -8.57
N HIS A 171 6.36 14.66 -8.66
CA HIS A 171 7.07 15.61 -9.52
C HIS A 171 7.57 14.90 -10.77
N ASN A 172 7.11 15.37 -11.94
CA ASN A 172 7.43 14.72 -13.22
C ASN A 172 8.64 15.33 -13.93
N GLY A 173 9.44 16.10 -13.20
CA GLY A 173 10.56 16.85 -13.77
C GLY A 173 10.22 18.21 -14.34
N TYR A 174 8.94 18.52 -14.55
CA TYR A 174 8.48 19.82 -15.06
C TYR A 174 7.62 20.56 -14.03
N CYS A 175 6.67 19.85 -13.42
CA CYS A 175 5.77 20.43 -12.42
C CYS A 175 5.43 19.42 -11.34
N LEU A 176 4.92 19.93 -10.22
CA LEU A 176 4.30 19.11 -9.18
C LEU A 176 2.87 18.78 -9.61
N ARG A 177 2.55 17.48 -9.67
CA ARG A 177 1.21 17.02 -10.05
C ARG A 177 0.26 17.12 -8.87
N LYS A 178 -0.18 18.34 -8.56
CA LYS A 178 -1.11 18.58 -7.45
C LYS A 178 -2.47 17.93 -7.66
N ASP A 179 -2.85 17.72 -8.92
CA ASP A 179 -4.05 16.95 -9.25
C ASP A 179 -3.98 15.51 -8.71
N ALA A 180 -2.83 14.86 -8.86
CA ALA A 180 -2.65 13.50 -8.36
C ALA A 180 -2.58 13.49 -6.83
N VAL A 181 -1.95 14.52 -6.26
CA VAL A 181 -1.87 14.67 -4.79
C VAL A 181 -3.28 14.80 -4.20
N ALA A 182 -4.09 15.70 -4.76
CA ALA A 182 -5.46 15.92 -4.28
C ALA A 182 -6.35 14.69 -4.42
N ALA A 183 -6.30 14.05 -5.60
CA ALA A 183 -7.01 12.79 -5.84
C ALA A 183 -6.62 11.71 -4.83
N SER A 184 -5.31 11.59 -4.57
CA SER A 184 -4.79 10.64 -3.58
C SER A 184 -5.37 10.89 -2.18
N ILE A 185 -5.48 12.15 -1.79
CA ILE A 185 -6.10 12.50 -0.51
C ILE A 185 -7.55 12.00 -0.47
N GLN A 186 -8.29 12.28 -1.54
CA GLN A 186 -9.71 11.90 -1.63
C GLN A 186 -9.90 10.39 -1.58
N LYS A 187 -9.05 9.64 -2.29
CA LYS A 187 -9.08 8.17 -2.25
C LYS A 187 -8.71 7.62 -0.89
N ILE A 188 -7.64 8.15 -0.28
CA ILE A 188 -7.22 7.73 1.06
C ILE A 188 -8.33 8.01 2.09
N GLU A 189 -9.04 9.13 1.95
CA GLU A 189 -10.11 9.49 2.87
C GLU A 189 -11.21 8.43 2.97
N LYS A 190 -11.54 7.80 1.83
CA LYS A 190 -12.52 6.71 1.82
C LYS A 190 -11.98 5.48 2.58
N ILE A 191 -10.70 5.21 2.42
CA ILE A 191 -10.04 4.09 3.14
C ILE A 191 -10.03 4.40 4.64
N LEU A 192 -9.69 5.63 5.00
CA LEU A 192 -9.74 6.09 6.39
C LEU A 192 -11.14 5.91 6.96
N GLN A 193 -12.15 6.33 6.21
CA GLN A 193 -13.55 6.13 6.63
C GLN A 193 -13.89 4.68 6.93
N TRP A 194 -13.43 3.76 6.07
CA TRP A 194 -13.61 2.34 6.30
C TRP A 194 -12.98 1.89 7.62
N PHE A 195 -11.74 2.31 7.86
CA PHE A 195 -11.03 2.01 9.12
C PHE A 195 -11.71 2.60 10.36
N GLU A 196 -12.32 3.77 10.21
CA GLU A 196 -13.06 4.37 11.32
C GLU A 196 -14.44 3.71 11.56
N ASN A 197 -14.89 2.88 10.62
CA ASN A 197 -16.14 2.14 10.72
C ASN A 197 -15.94 0.62 10.86
N GLN A 198 -14.81 0.19 11.41
CA GLN A 198 -14.57 -1.25 11.65
C GLN A 198 -13.64 -1.50 12.84
N LYS A 199 -13.94 -2.53 13.62
CA LYS A 199 -13.10 -2.97 14.75
C LYS A 199 -12.95 -4.47 14.77
N GLN A 200 -12.81 -5.07 13.58
CA GLN A 200 -12.69 -6.53 13.47
C GLN A 200 -11.36 -7.00 12.89
N LEU A 201 -10.60 -6.11 12.25
CA LEU A 201 -9.29 -6.44 11.69
C LEU A 201 -8.27 -5.37 12.05
N ASN A 202 -7.07 -5.79 12.41
CA ASN A 202 -5.90 -4.91 12.56
C ASN A 202 -4.83 -5.35 11.56
N PHE A 203 -4.17 -4.38 10.93
CA PHE A 203 -3.30 -4.59 9.77
C PHE A 203 -1.88 -4.16 10.11
N TYR A 204 -0.93 -5.10 10.09
CA TYR A 204 0.48 -4.81 10.35
C TYR A 204 1.31 -5.11 9.11
N ALA A 205 2.28 -4.24 8.82
CA ALA A 205 3.13 -4.34 7.62
C ALA A 205 2.37 -4.45 6.30
N SER A 206 1.20 -3.80 6.22
N SER A 206 1.22 -3.77 6.24
CA SER A 206 0.43 -3.73 5.00
CA SER A 206 0.39 -3.69 5.06
C SER A 206 0.65 -2.36 4.41
C SER A 206 0.64 -2.34 4.42
N SER A 207 0.32 -2.24 3.12
CA SER A 207 0.65 -1.04 2.34
C SER A 207 -0.51 -0.46 1.56
N LEU A 208 -0.29 0.78 1.12
CA LEU A 208 -1.09 1.40 0.10
C LEU A 208 -0.24 1.47 -1.15
N LEU A 209 -0.83 1.06 -2.26
CA LEU A 209 -0.21 1.17 -3.57
C LEU A 209 -0.86 2.35 -4.28
N PHE A 210 -0.06 3.38 -4.55
CA PHE A 210 -0.46 4.59 -5.25
C PHE A 210 -0.10 4.49 -6.71
N VAL A 211 -1.04 4.81 -7.60
CA VAL A 211 -0.74 4.86 -9.03
C VAL A 211 -1.36 6.11 -9.63
N TYR A 212 -0.60 6.84 -10.43
CA TYR A 212 -1.17 7.90 -11.28
C TYR A 212 -0.57 7.85 -12.68
N GLU A 213 -1.20 8.58 -13.60
CA GLU A 213 -0.81 8.59 -15.00
C GLU A 213 0.32 9.61 -15.23
N GLY A 214 1.50 9.11 -15.60
CA GLY A 214 2.64 9.98 -15.89
C GLY A 214 2.57 10.73 -17.22
N SER A 215 1.89 10.16 -18.22
CA SER A 215 1.79 10.77 -19.55
C SER A 215 0.65 11.78 -19.64
N SER A 220 -7.24 12.26 -17.98
CA SER A 220 -5.93 11.91 -17.43
C SER A 220 -5.64 12.60 -16.09
N GLY A 221 -5.95 13.90 -16.02
CA GLY A 221 -5.76 14.67 -14.78
C GLY A 221 -6.70 14.20 -13.68
N GLY A 222 -6.19 14.16 -12.46
CA GLY A 222 -6.95 13.75 -11.29
C GLY A 222 -7.23 12.25 -11.20
N GLU A 223 -6.61 11.45 -12.08
CA GLU A 223 -6.88 10.01 -12.17
C GLU A 223 -5.80 9.22 -11.41
N VAL A 224 -6.19 8.64 -10.28
CA VAL A 224 -5.27 7.87 -9.46
C VAL A 224 -5.92 6.60 -8.96
N GLU A 225 -5.07 5.65 -8.59
CA GLU A 225 -5.48 4.46 -7.87
C GLU A 225 -4.77 4.48 -6.53
N VAL A 226 -5.52 4.21 -5.45
CA VAL A 226 -4.93 3.90 -4.15
C VAL A 226 -5.59 2.63 -3.65
N ARG A 227 -4.80 1.56 -3.52
CA ARG A 227 -5.33 0.27 -3.10
C ARG A 227 -4.50 -0.27 -1.96
N MET A 228 -5.18 -1.00 -1.07
CA MET A 228 -4.54 -1.68 0.04
C MET A 228 -3.96 -2.98 -0.47
N ILE A 229 -2.72 -3.27 -0.11
CA ILE A 229 -2.06 -4.54 -0.45
C ILE A 229 -1.26 -5.06 0.74
N ASP A 230 -0.77 -6.31 0.61
CA ASP A 230 0.20 -6.95 1.53
C ASP A 230 -0.45 -7.34 2.85
N PHE A 231 -1.04 -8.53 2.89
CA PHE A 231 -1.91 -8.93 3.99
C PHE A 231 -1.43 -10.19 4.74
N ALA A 232 -0.11 -10.38 4.83
CA ALA A 232 0.46 -11.49 5.59
C ALA A 232 0.41 -11.32 7.12
N HIS A 233 0.07 -10.12 7.60
CA HIS A 233 -0.02 -9.85 9.06
C HIS A 233 -1.31 -9.08 9.41
N VAL A 234 -2.44 -9.59 8.93
CA VAL A 234 -3.75 -9.05 9.27
C VAL A 234 -4.36 -9.99 10.29
N PHE A 235 -4.81 -9.45 11.42
CA PHE A 235 -5.28 -10.27 12.54
C PHE A 235 -6.66 -9.86 13.01
N PRO A 236 -7.46 -10.84 13.49
CA PRO A 236 -8.76 -10.49 14.09
C PRO A 236 -8.57 -9.58 15.29
N SER A 237 -9.52 -8.68 15.52
CA SER A 237 -9.40 -7.69 16.58
C SER A 237 -10.76 -7.33 17.15
N ASN A 238 -10.71 -6.68 18.31
CA ASN A 238 -11.90 -6.18 18.99
C ASN A 238 -11.91 -4.65 19.05
N THR A 239 -10.92 -4.01 18.43
CA THR A 239 -10.72 -2.56 18.54
C THR A 239 -10.36 -1.93 17.21
N ILE A 240 -10.41 -0.60 17.19
CA ILE A 240 -9.94 0.23 16.08
C ILE A 240 -8.47 -0.05 15.81
N ASP A 241 -8.10 -0.12 14.53
CA ASP A 241 -6.70 -0.18 14.16
C ASP A 241 -6.12 1.24 14.29
N GLU A 242 -5.64 1.57 15.49
CA GLU A 242 -5.22 2.94 15.83
C GLU A 242 -3.94 3.37 15.11
N GLY A 243 -3.01 2.43 14.99
CA GLY A 243 -1.77 2.67 14.28
C GLY A 243 -2.00 2.95 12.82
N TYR A 244 -2.91 2.20 12.21
CA TYR A 244 -3.25 2.41 10.79
C TYR A 244 -3.95 3.76 10.61
N VAL A 245 -4.89 4.07 11.49
CA VAL A 245 -5.61 5.35 11.45
C VAL A 245 -4.63 6.52 11.57
N TYR A 246 -3.74 6.47 12.56
CA TYR A 246 -2.67 7.47 12.75
C TYR A 246 -1.84 7.67 11.49
N GLY A 247 -1.40 6.57 10.88
CA GLY A 247 -0.63 6.60 9.65
C GLY A 247 -1.34 7.25 8.47
N LEU A 248 -2.61 6.89 8.28
CA LEU A 248 -3.42 7.47 7.22
C LEU A 248 -3.62 8.97 7.41
N LYS A 249 -3.95 9.35 8.65
CA LYS A 249 -4.14 10.75 9.04
C LYS A 249 -2.90 11.58 8.80
N HIS A 250 -1.75 11.06 9.24
CA HIS A 250 -0.49 11.75 9.01
C HIS A 250 -0.14 11.81 7.53
N LEU A 251 -0.39 10.72 6.79
CA LEU A 251 -0.14 10.70 5.34
C LEU A 251 -1.01 11.75 4.62
N ILE A 252 -2.29 11.81 4.98
CA ILE A 252 -3.21 12.85 4.45
C ILE A 252 -2.70 14.27 4.75
N SER A 253 -2.22 14.50 5.98
N SER A 253 -2.21 14.50 5.97
CA SER A 253 -1.69 15.81 6.39
CA SER A 253 -1.70 15.81 6.38
C SER A 253 -0.46 16.21 5.59
C SER A 253 -0.45 16.22 5.60
N VAL A 254 0.45 15.27 5.36
CA VAL A 254 1.64 15.51 4.54
C VAL A 254 1.24 15.86 3.08
N LEU A 255 0.37 15.04 2.49
CA LEU A 255 -0.17 15.31 1.15
C LEU A 255 -0.88 16.67 1.07
N ARG A 256 -1.67 16.99 2.10
CA ARG A 256 -2.35 18.29 2.18
C ARG A 256 -1.38 19.47 2.19
N SER A 257 -0.28 19.35 2.93
N SER A 257 -0.29 19.34 2.93
CA SER A 257 0.74 20.40 2.96
CA SER A 257 0.76 20.35 2.98
C SER A 257 1.43 20.56 1.60
C SER A 257 1.46 20.54 1.62
N ILE A 258 1.60 19.46 0.87
CA ILE A 258 2.20 19.50 -0.48
C ILE A 258 1.36 20.32 -1.47
N LEU A 259 0.05 20.37 -1.27
CA LEU A 259 -0.83 21.22 -2.08
C LEU A 259 -0.54 22.74 -1.95
N ASP A 260 0.19 23.16 -0.92
CA ASP A 260 0.64 24.57 -0.78
C ASP A 260 2.03 24.87 -1.37
N ASN A 261 2.69 23.88 -1.95
CA ASN A 261 4.04 24.07 -2.53
C ASN A 261 4.09 25.13 -3.63
C01 J8D B . 6.47 -2.12 -12.50
O6 J8D B . 6.18 -1.91 -11.11
C13 J8D B . 5.03 -2.47 -10.60
C12 J8D B . 4.99 -2.59 -9.20
C11 J8D B . 3.88 -3.13 -8.56
O5 J8D B . 6.06 -2.16 -8.50
C14 J8D B . 3.93 -2.90 -11.35
C15 J8D B . 2.81 -3.44 -10.70
C10 J8D B . 2.76 -3.56 -9.30
C9 J8D B . 1.65 -4.11 -8.63
O4 J8D B . 1.94 -4.70 -7.42
C6 J8D B . 0.96 -5.31 -6.68
C1 J8D B . 1.31 -5.91 -5.46
C2 J8D B . 0.34 -6.56 -4.69
O1 J8D B . 0.66 -7.14 -3.51
C3 J8D B . -0.96 -6.59 -5.16
C4 J8D B . -1.29 -6.00 -6.36
O2 J8D B . -2.57 -6.05 -6.80
C5 J8D B . -0.34 -5.34 -7.15
C7 J8D B . -0.65 -4.73 -8.38
O3 J8D B . -1.81 -4.67 -8.80
C8 J8D B . 0.35 -4.11 -9.12
#